data_1Q2I
#
_entry.id   1Q2I
#
_entity_poly.entity_id   1
_entity_poly.type   'polypeptide(L)'
_entity_poly.pdbx_seq_one_letter_code
;PPLSQETFSDLWKLLKKWKMRRNQFWVKVQRG
;
_entity_poly.pdbx_strand_id   A
#
# COMPACT_ATOMS: atom_id res chain seq x y z
N PRO A 1 -6.01 12.87 6.17
CA PRO A 1 -6.59 13.24 4.91
C PRO A 1 -5.74 12.70 3.77
N PRO A 2 -6.26 12.81 2.54
CA PRO A 2 -5.60 12.33 1.34
C PRO A 2 -4.44 13.27 1.00
N LEU A 3 -3.22 12.73 1.00
CA LEU A 3 -2.04 13.51 0.71
C LEU A 3 -0.79 12.70 1.04
N SER A 4 0.24 12.80 0.19
CA SER A 4 1.48 12.08 0.41
C SER A 4 2.61 12.77 -0.35
N GLN A 5 3.60 13.27 0.39
CA GLN A 5 4.73 13.96 -0.20
C GLN A 5 5.97 13.75 0.65
N GLU A 6 6.19 14.64 1.61
CA GLU A 6 7.34 14.55 2.50
C GLU A 6 6.88 14.56 3.95
N THR A 7 5.81 13.82 4.24
CA THR A 7 5.28 13.74 5.59
C THR A 7 4.23 12.64 5.67
N PHE A 8 2.97 12.98 5.40
CA PHE A 8 1.90 12.02 5.45
C PHE A 8 2.26 10.78 4.62
N SER A 9 3.24 10.94 3.73
CA SER A 9 3.67 9.84 2.88
C SER A 9 4.57 8.91 3.69
N ASP A 10 5.21 9.44 4.73
CA ASP A 10 6.09 8.65 5.57
C ASP A 10 5.30 7.56 6.28
N LEU A 11 3.99 7.80 6.45
CA LEU A 11 3.12 6.84 7.12
C LEU A 11 2.61 5.83 6.11
N TRP A 12 1.35 6.01 5.67
CA TRP A 12 0.76 5.12 4.71
C TRP A 12 1.65 3.90 4.48
N LYS A 13 2.97 4.12 4.54
CA LYS A 13 3.92 3.05 4.34
C LYS A 13 3.61 1.90 5.30
N LEU A 14 2.68 2.13 6.23
CA LEU A 14 2.30 1.12 7.20
C LEU A 14 1.26 0.19 6.59
N LEU A 15 0.28 0.78 5.86
CA LEU A 15 -0.76 0.01 5.23
C LEU A 15 -0.17 -0.91 4.17
N LYS A 16 1.05 -0.60 3.74
CA LYS A 16 1.73 -1.40 2.74
C LYS A 16 1.65 -2.88 3.11
N LYS A 17 2.27 -3.25 4.23
CA LYS A 17 2.26 -4.62 4.68
C LYS A 17 0.85 -5.18 4.64
N TRP A 18 -0.15 -4.30 4.74
CA TRP A 18 -1.53 -4.71 4.70
C TRP A 18 -2.20 -4.19 3.43
N LYS A 19 -1.52 -3.27 2.74
CA LYS A 19 -2.05 -2.70 1.52
C LYS A 19 -1.33 -3.28 0.31
N MET A 20 -0.40 -4.22 0.57
CA MET A 20 0.35 -4.85 -0.50
C MET A 20 -0.61 -5.41 -1.55
N ARG A 21 -0.15 -6.41 -2.30
CA ARG A 21 -0.95 -7.03 -3.33
C ARG A 21 -2.23 -7.57 -2.73
N ARG A 22 -2.44 -7.33 -1.43
CA ARG A 22 -3.63 -7.79 -0.73
C ARG A 22 -4.79 -6.85 -1.02
N ASN A 23 -5.22 -6.79 -2.28
CA ASN A 23 -6.31 -5.93 -2.67
C ASN A 23 -7.60 -6.74 -2.79
N GLN A 24 -7.92 -7.18 -4.01
CA GLN A 24 -9.11 -7.96 -4.25
C GLN A 24 -8.94 -8.78 -5.52
N PHE A 25 -8.72 -8.11 -6.66
CA PHE A 25 -8.54 -8.78 -7.92
C PHE A 25 -7.08 -9.19 -8.09
N TRP A 26 -6.16 -8.39 -7.53
CA TRP A 26 -4.74 -8.68 -7.62
C TRP A 26 -4.24 -9.20 -6.28
N VAL A 27 -4.94 -10.18 -5.72
CA VAL A 27 -4.56 -10.75 -4.44
C VAL A 27 -4.04 -12.17 -4.65
N LYS A 28 -2.73 -12.29 -4.86
CA LYS A 28 -2.11 -13.59 -5.08
C LYS A 28 -2.24 -13.99 -6.54
N VAL A 29 -2.03 -13.03 -7.45
CA VAL A 29 -2.12 -13.30 -8.87
C VAL A 29 -0.74 -13.18 -9.50
N GLN A 30 0.30 -13.47 -8.72
CA GLN A 30 1.66 -13.40 -9.21
C GLN A 30 2.60 -14.09 -8.23
N ARG A 31 3.75 -14.57 -8.73
CA ARG A 31 4.72 -15.26 -7.90
C ARG A 31 5.32 -14.28 -6.90
N GLY A 32 5.98 -14.81 -5.86
CA GLY A 32 6.58 -13.98 -4.85
C GLY A 32 5.81 -14.10 -3.54
N PRO A 1 -8.94 11.41 -1.26
CA PRO A 1 -7.91 10.43 -0.93
C PRO A 1 -7.78 10.34 0.59
N PRO A 2 -7.43 9.14 1.08
CA PRO A 2 -7.25 8.87 2.48
C PRO A 2 -5.98 9.52 2.99
N LEU A 3 -5.87 10.84 2.80
CA LEU A 3 -4.71 11.59 3.23
C LEU A 3 -3.44 10.84 2.82
N SER A 4 -2.91 11.16 1.64
CA SER A 4 -1.71 10.53 1.14
C SER A 4 -1.17 11.30 -0.05
N GLN A 5 -0.05 11.99 0.14
CA GLN A 5 0.56 12.77 -0.92
C GLN A 5 2.03 13.03 -0.58
N GLU A 6 2.28 14.14 0.13
CA GLU A 6 3.64 14.50 0.50
C GLU A 6 3.75 14.56 2.02
N THR A 7 3.18 13.58 2.71
CA THR A 7 3.22 13.53 4.15
C THR A 7 2.68 12.19 4.64
N PHE A 8 1.38 12.14 4.93
CA PHE A 8 0.76 10.92 5.41
C PHE A 8 1.12 9.76 4.49
N SER A 9 1.58 10.07 3.28
CA SER A 9 1.96 9.06 2.32
C SER A 9 3.32 8.48 2.69
N ASP A 10 4.15 9.30 3.33
CA ASP A 10 5.48 8.88 3.74
C ASP A 10 5.38 7.68 4.68
N LEU A 11 4.24 7.57 5.38
CA LEU A 11 4.03 6.50 6.32
C LEU A 11 3.45 5.29 5.58
N TRP A 12 2.14 5.07 5.72
CA TRP A 12 1.48 3.96 5.06
C TRP A 12 2.53 3.00 4.49
N LYS A 13 3.62 3.56 3.97
CA LYS A 13 4.68 2.76 3.39
C LYS A 13 5.10 1.68 4.37
N LEU A 14 4.60 1.76 5.61
CA LEU A 14 4.92 0.79 6.63
C LEU A 14 3.98 -0.41 6.54
N LEU A 15 2.70 -0.13 6.29
CA LEU A 15 1.69 -1.18 6.17
C LEU A 15 2.15 -2.21 5.15
N LYS A 16 2.96 -1.78 4.17
CA LYS A 16 3.45 -2.67 3.15
C LYS A 16 4.05 -3.91 3.79
N LYS A 17 5.04 -3.72 4.67
CA LYS A 17 5.69 -4.82 5.35
C LYS A 17 4.65 -5.85 5.79
N TRP A 18 3.40 -5.39 5.97
CA TRP A 18 2.34 -6.28 6.38
C TRP A 18 1.21 -6.25 5.35
N LYS A 19 1.28 -5.30 4.43
CA LYS A 19 0.27 -5.16 3.40
C LYS A 19 0.80 -5.70 2.08
N MET A 20 2.04 -6.18 2.09
CA MET A 20 2.67 -6.72 0.89
C MET A 20 1.59 -7.27 -0.04
N ARG A 21 1.78 -7.08 -1.35
CA ARG A 21 0.85 -7.56 -2.33
C ARG A 21 -0.34 -6.59 -2.43
N ARG A 22 -0.23 -5.45 -1.74
CA ARG A 22 -1.28 -4.44 -1.76
C ARG A 22 -0.91 -3.33 -2.73
N ASN A 23 -0.83 -3.65 -4.01
CA ASN A 23 -0.49 -2.67 -5.03
C ASN A 23 -1.76 -2.14 -5.69
N GLN A 24 -2.06 -2.63 -6.89
CA GLN A 24 -3.24 -2.21 -7.62
C GLN A 24 -3.55 -3.22 -8.72
N PHE A 25 -2.54 -3.57 -9.51
CA PHE A 25 -2.72 -4.51 -10.59
C PHE A 25 -2.20 -5.88 -10.17
N TRP A 26 -1.11 -5.89 -9.38
CA TRP A 26 -0.53 -7.13 -8.91
C TRP A 26 -0.97 -7.42 -7.49
N VAL A 27 -2.19 -7.00 -7.15
CA VAL A 27 -2.73 -7.20 -5.81
C VAL A 27 -3.34 -8.60 -5.71
N LYS A 28 -4.60 -8.67 -5.30
CA LYS A 28 -5.28 -9.95 -5.17
C LYS A 28 -5.84 -10.37 -6.52
N VAL A 29 -5.02 -10.27 -7.56
CA VAL A 29 -5.43 -10.64 -8.90
C VAL A 29 -5.08 -12.10 -9.15
N GLN A 30 -5.05 -12.91 -8.08
CA GLN A 30 -4.73 -14.31 -8.19
C GLN A 30 -3.22 -14.50 -8.15
N ARG A 31 -2.69 -14.88 -6.99
CA ARG A 31 -1.27 -15.09 -6.82
C ARG A 31 -0.97 -16.59 -6.80
N GLY A 32 -1.93 -17.39 -6.33
CA GLY A 32 -1.77 -18.82 -6.26
C GLY A 32 -3.08 -19.49 -5.84
N PRO A 1 -8.03 17.54 4.41
CA PRO A 1 -6.74 17.21 3.86
C PRO A 1 -6.88 16.08 2.86
N PRO A 2 -5.86 15.89 2.01
CA PRO A 2 -5.84 14.85 1.00
C PRO A 2 -5.61 13.50 1.66
N LEU A 3 -5.32 12.47 0.84
CA LEU A 3 -5.10 11.14 1.35
C LEU A 3 -3.73 10.64 0.90
N SER A 4 -2.78 10.57 1.83
CA SER A 4 -1.44 10.11 1.53
C SER A 4 -0.79 11.07 0.54
N GLN A 5 0.19 11.84 1.02
CA GLN A 5 0.89 12.80 0.17
C GLN A 5 2.21 13.18 0.82
N GLU A 6 2.21 14.27 1.59
CA GLU A 6 3.41 14.73 2.25
C GLU A 6 3.23 14.65 3.76
N THR A 7 2.66 13.54 4.24
CA THR A 7 2.43 13.34 5.65
C THR A 7 2.06 11.90 5.93
N PHE A 8 0.76 11.62 5.97
CA PHE A 8 0.28 10.26 6.23
C PHE A 8 0.99 9.29 5.30
N SER A 9 1.57 9.80 4.21
CA SER A 9 2.27 8.97 3.25
C SER A 9 3.64 8.60 3.81
N ASP A 10 4.18 9.43 4.70
CA ASP A 10 5.48 9.18 5.30
C ASP A 10 5.43 7.91 6.13
N LEU A 11 4.22 7.54 6.59
CA LEU A 11 4.06 6.35 7.40
C LEU A 11 3.83 5.15 6.50
N TRP A 12 2.58 4.72 6.37
CA TRP A 12 2.24 3.58 5.53
C TRP A 12 3.51 2.86 5.10
N LYS A 13 4.57 3.63 4.84
CA LYS A 13 5.84 3.06 4.42
C LYS A 13 6.30 2.03 5.43
N LEU A 14 5.47 1.76 6.44
CA LEU A 14 5.80 0.78 7.47
C LEU A 14 4.99 -0.48 7.24
N LEU A 15 3.84 -0.36 6.59
CA LEU A 15 2.98 -1.50 6.32
C LEU A 15 3.24 -2.00 4.90
N LYS A 16 4.02 -1.25 4.13
CA LYS A 16 4.33 -1.63 2.77
C LYS A 16 4.42 -3.15 2.66
N LYS A 17 5.35 -3.74 3.40
CA LYS A 17 5.53 -5.18 3.38
C LYS A 17 4.18 -5.88 3.41
N TRP A 18 3.21 -5.28 4.11
CA TRP A 18 1.88 -5.84 4.21
C TRP A 18 0.92 -5.08 3.31
N LYS A 19 1.35 -3.90 2.85
CA LYS A 19 0.53 -3.08 1.98
C LYS A 19 0.87 -3.36 0.53
N MET A 20 1.85 -4.25 0.31
CA MET A 20 2.27 -4.60 -1.04
C MET A 20 1.16 -5.38 -1.74
N ARG A 21 1.24 -5.47 -3.07
CA ARG A 21 0.25 -6.18 -3.85
C ARG A 21 -1.11 -5.52 -3.67
N ARG A 22 -1.13 -4.34 -3.06
CA ARG A 22 -2.36 -3.61 -2.83
C ARG A 22 -2.63 -2.66 -3.99
N ASN A 23 -2.88 -3.23 -5.17
CA ASN A 23 -3.15 -2.43 -6.35
C ASN A 23 -4.65 -2.37 -6.60
N GLN A 24 -5.14 -3.16 -7.55
CA GLN A 24 -6.55 -3.20 -7.87
C GLN A 24 -6.92 -4.55 -8.46
N PHE A 25 -6.40 -4.86 -9.65
CA PHE A 25 -6.68 -6.11 -10.31
C PHE A 25 -5.77 -7.20 -9.75
N TRP A 26 -4.54 -6.83 -9.40
CA TRP A 26 -3.58 -7.77 -8.85
C TRP A 26 -3.51 -7.61 -7.33
N VAL A 27 -4.67 -7.58 -6.68
CA VAL A 27 -4.73 -7.43 -5.24
C VAL A 27 -5.14 -8.76 -4.60
N LYS A 28 -4.15 -9.57 -4.24
CA LYS A 28 -4.40 -10.85 -3.62
C LYS A 28 -4.48 -11.93 -4.69
N VAL A 29 -3.46 -12.01 -5.54
CA VAL A 29 -3.40 -13.00 -6.60
C VAL A 29 -2.67 -14.24 -6.11
N GLN A 30 -2.73 -14.50 -4.81
CA GLN A 30 -2.06 -15.65 -4.23
C GLN A 30 -0.58 -15.63 -4.59
N ARG A 31 0.13 -16.69 -4.19
CA ARG A 31 1.55 -16.79 -4.47
C ARG A 31 2.26 -15.54 -3.96
N GLY A 32 2.52 -15.49 -2.65
CA GLY A 32 3.19 -14.36 -2.05
C GLY A 32 2.94 -14.33 -0.54
N PRO A 1 -7.09 11.37 8.54
CA PRO A 1 -6.65 12.57 7.88
C PRO A 1 -6.79 12.40 6.37
N PRO A 2 -7.57 13.29 5.74
CA PRO A 2 -7.83 13.29 4.31
C PRO A 2 -6.58 13.76 3.57
N LEU A 3 -5.55 12.91 3.54
CA LEU A 3 -4.31 13.25 2.86
C LEU A 3 -3.22 12.29 3.30
N SER A 4 -2.43 11.81 2.34
CA SER A 4 -1.35 10.89 2.63
C SER A 4 -0.47 10.70 1.39
N GLN A 5 0.61 11.48 1.30
CA GLN A 5 1.51 11.40 0.17
C GLN A 5 2.33 12.67 0.08
N GLU A 6 1.79 13.78 0.60
CA GLU A 6 2.47 15.06 0.56
C GLU A 6 2.56 15.63 1.96
N THR A 7 3.16 14.88 2.89
CA THR A 7 3.30 15.34 4.26
C THR A 7 3.85 14.21 5.12
N PHE A 8 2.97 13.27 5.52
CA PHE A 8 3.38 12.15 6.34
C PHE A 8 3.76 10.97 5.45
N SER A 9 3.43 11.06 4.17
CA SER A 9 3.75 10.01 3.22
C SER A 9 4.84 9.11 3.80
N ASP A 10 5.83 9.72 4.45
CA ASP A 10 6.93 8.98 5.04
C ASP A 10 6.40 7.68 5.65
N LEU A 11 5.27 7.77 6.37
CA LEU A 11 4.67 6.60 6.99
C LEU A 11 4.13 5.66 5.92
N TRP A 12 2.80 5.52 5.86
CA TRP A 12 2.19 4.65 4.89
C TRP A 12 3.20 3.64 4.37
N LYS A 13 4.45 4.08 4.18
CA LYS A 13 5.49 3.21 3.69
C LYS A 13 5.55 1.94 4.52
N LEU A 14 4.77 1.91 5.61
CA LEU A 14 4.74 0.75 6.49
C LEU A 14 3.75 -0.28 5.94
N LEU A 15 2.58 0.19 5.51
CA LEU A 15 1.56 -0.68 4.97
C LEU A 15 2.08 -1.36 3.71
N LYS A 16 3.12 -0.80 3.11
CA LYS A 16 3.71 -1.35 1.91
C LYS A 16 3.93 -2.85 2.09
N LYS A 17 4.82 -3.21 3.03
CA LYS A 17 5.12 -4.60 3.29
C LYS A 17 3.83 -5.40 3.40
N TRP A 18 2.74 -4.73 3.78
CA TRP A 18 1.45 -5.38 3.91
C TRP A 18 0.48 -4.86 2.87
N LYS A 19 0.86 -3.76 2.20
CA LYS A 19 0.02 -3.16 1.18
C LYS A 19 0.54 -3.56 -0.20
N MET A 20 1.61 -4.35 -0.24
CA MET A 20 2.19 -4.78 -1.49
C MET A 20 1.21 -5.71 -2.21
N ARG A 21 1.45 -5.92 -3.51
CA ARG A 21 0.60 -6.79 -4.30
C ARG A 21 -0.80 -6.19 -4.39
N ARG A 22 -0.96 -4.96 -3.89
CA ARG A 22 -2.24 -4.29 -3.90
C ARG A 22 -2.35 -3.40 -5.13
N ASN A 23 -2.37 -4.01 -6.32
CA ASN A 23 -2.47 -3.27 -7.56
C ASN A 23 -3.91 -3.25 -8.04
N GLN A 24 -4.25 -4.18 -8.93
CA GLN A 24 -5.59 -4.27 -9.46
C GLN A 24 -5.89 -5.69 -9.92
N PHE A 25 -5.11 -6.18 -10.90
CA PHE A 25 -5.29 -7.52 -11.41
C PHE A 25 -4.58 -8.51 -10.51
N TRP A 26 -3.49 -8.08 -9.87
CA TRP A 26 -2.74 -8.95 -8.98
C TRP A 26 -2.96 -8.51 -7.54
N VAL A 27 -4.23 -8.39 -7.14
CA VAL A 27 -4.57 -7.99 -5.79
C VAL A 27 -5.26 -9.14 -5.07
N LYS A 28 -4.47 -9.97 -4.37
CA LYS A 28 -5.00 -11.11 -3.64
C LYS A 28 -5.04 -12.33 -4.54
N VAL A 29 -3.90 -12.65 -5.16
CA VAL A 29 -3.81 -13.80 -6.04
C VAL A 29 -3.38 -15.03 -5.25
N GLN A 30 -3.72 -15.06 -3.96
CA GLN A 30 -3.38 -16.17 -3.09
C GLN A 30 -1.98 -16.66 -3.44
N ARG A 31 -0.96 -16.09 -2.79
CA ARG A 31 0.41 -16.48 -3.03
C ARG A 31 1.15 -16.61 -1.71
N GLY A 32 1.23 -17.83 -1.19
CA GLY A 32 1.91 -18.08 0.07
C GLY A 32 3.42 -18.19 -0.16
N PRO A 1 -5.59 4.80 -3.29
CA PRO A 1 -5.18 5.42 -2.05
C PRO A 1 -4.86 6.89 -2.31
N PRO A 2 -4.64 7.65 -1.24
CA PRO A 2 -4.32 9.06 -1.29
C PRO A 2 -2.90 9.24 -1.80
N LEU A 3 -2.66 8.86 -3.06
CA LEU A 3 -1.35 8.98 -3.66
C LEU A 3 -0.36 8.05 -2.96
N SER A 4 0.36 7.26 -3.74
CA SER A 4 1.33 6.32 -3.19
C SER A 4 2.40 6.01 -4.23
N GLN A 5 3.64 6.43 -3.95
CA GLN A 5 4.74 6.19 -4.86
C GLN A 5 6.03 6.00 -4.07
N GLU A 6 6.84 7.06 -3.97
CA GLU A 6 8.09 7.01 -3.25
C GLU A 6 8.02 7.91 -2.03
N THR A 7 6.89 7.89 -1.32
CA THR A 7 6.71 8.71 -0.14
C THR A 7 5.53 8.20 0.68
N PHE A 8 4.34 8.77 0.45
CA PHE A 8 3.15 8.36 1.16
C PHE A 8 2.99 6.85 1.07
N SER A 9 3.66 6.23 0.11
CA SER A 9 3.59 4.80 -0.08
C SER A 9 4.45 4.09 0.97
N ASP A 10 5.45 4.80 1.48
CA ASP A 10 6.34 4.24 2.49
C ASP A 10 5.57 3.98 3.78
N LEU A 11 4.46 4.70 3.97
CA LEU A 11 3.63 4.53 5.14
C LEU A 11 2.61 3.42 4.90
N TRP A 12 1.37 3.81 4.60
CA TRP A 12 0.31 2.85 4.36
C TRP A 12 0.80 1.45 4.73
N LYS A 13 2.07 1.16 4.46
CA LYS A 13 2.64 -0.14 4.76
C LYS A 13 2.35 -0.50 6.21
N LEU A 14 1.83 0.46 6.97
CA LEU A 14 1.50 0.23 8.37
C LEU A 14 0.11 -0.37 8.49
N LEU A 15 -0.82 0.14 7.69
CA LEU A 15 -2.20 -0.34 7.71
C LEU A 15 -2.21 -1.85 7.54
N LYS A 16 -1.25 -2.38 6.78
CA LYS A 16 -1.16 -3.81 6.54
C LYS A 16 -1.34 -4.56 7.85
N LYS A 17 -0.51 -4.26 8.84
CA LYS A 17 -0.58 -4.91 10.13
C LYS A 17 -2.03 -5.00 10.58
N TRP A 18 -2.89 -4.14 10.03
CA TRP A 18 -4.29 -4.12 10.37
C TRP A 18 -5.14 -4.20 9.12
N LYS A 19 -4.50 -4.04 7.95
CA LYS A 19 -5.19 -4.09 6.68
C LYS A 19 -4.67 -5.25 5.86
N MET A 20 -3.83 -6.10 6.46
CA MET A 20 -3.26 -7.24 5.77
C MET A 20 -4.19 -7.68 4.65
N ARG A 21 -3.61 -8.06 3.51
CA ARG A 21 -4.39 -8.50 2.36
C ARG A 21 -4.89 -7.29 1.59
N ARG A 22 -4.62 -6.09 2.10
CA ARG A 22 -5.05 -4.87 1.46
C ARG A 22 -3.99 -4.41 0.47
N ASN A 23 -3.79 -5.19 -0.60
CA ASN A 23 -2.80 -4.87 -1.61
C ASN A 23 -2.83 -5.92 -2.71
N GLN A 24 -3.21 -7.15 -2.36
CA GLN A 24 -3.26 -8.24 -3.31
C GLN A 24 -3.51 -7.68 -4.71
N PHE A 25 -4.48 -6.78 -4.83
CA PHE A 25 -4.81 -6.18 -6.12
C PHE A 25 -3.93 -4.96 -6.35
N TRP A 26 -3.76 -4.15 -5.30
CA TRP A 26 -2.94 -2.95 -5.40
C TRP A 26 -1.55 -3.22 -4.83
N VAL A 27 -0.93 -4.32 -5.25
CA VAL A 27 0.39 -4.68 -4.78
C VAL A 27 1.45 -3.90 -5.55
N LYS A 28 2.42 -4.61 -6.12
CA LYS A 28 3.48 -3.98 -6.88
C LYS A 28 3.06 -3.83 -8.34
N VAL A 29 1.81 -3.40 -8.56
CA VAL A 29 1.29 -3.21 -9.90
C VAL A 29 1.71 -1.85 -10.42
N GLN A 30 3.00 -1.70 -10.73
CA GLN A 30 3.52 -0.45 -11.24
C GLN A 30 4.89 -0.67 -11.85
N ARG A 31 4.98 -1.61 -12.82
CA ARG A 31 6.23 -1.91 -13.48
C ARG A 31 6.00 -2.06 -14.97
N GLY A 32 7.08 -2.21 -15.73
CA GLY A 32 6.99 -2.36 -17.18
C GLY A 32 8.30 -2.90 -17.73
N PRO A 1 -9.67 11.07 1.04
CA PRO A 1 -8.39 11.06 1.70
C PRO A 1 -8.00 12.49 2.09
N PRO A 2 -7.88 12.74 3.40
CA PRO A 2 -7.52 14.03 3.95
C PRO A 2 -6.05 14.31 3.67
N LEU A 3 -5.69 14.39 2.40
CA LEU A 3 -4.31 14.65 2.01
C LEU A 3 -3.43 13.48 2.39
N SER A 4 -2.60 13.02 1.45
CA SER A 4 -1.71 11.90 1.70
C SER A 4 -0.66 11.83 0.61
N GLN A 5 0.57 12.25 0.92
CA GLN A 5 1.65 12.24 -0.03
C GLN A 5 2.85 13.00 0.52
N GLU A 6 2.59 13.95 1.42
CA GLU A 6 3.63 14.75 2.03
C GLU A 6 3.56 14.64 3.53
N THR A 7 3.66 13.41 4.05
CA THR A 7 3.61 13.19 5.49
C THR A 7 3.02 11.80 5.77
N PHE A 8 1.72 11.75 6.06
CA PHE A 8 1.05 10.51 6.35
C PHE A 8 1.40 9.47 5.29
N SER A 9 1.86 9.94 4.13
CA SER A 9 2.24 9.06 3.04
C SER A 9 3.58 8.42 3.33
N ASP A 10 4.41 9.11 4.13
CA ASP A 10 5.73 8.61 4.47
C ASP A 10 5.60 7.32 5.27
N LEU A 11 4.45 7.14 5.93
CA LEU A 11 4.20 5.95 6.73
C LEU A 11 3.62 4.86 5.84
N TRP A 12 2.30 4.66 5.92
CA TRP A 12 1.63 3.65 5.12
C TRP A 12 2.67 2.76 4.46
N LYS A 13 3.78 3.35 4.02
CA LYS A 13 4.83 2.61 3.36
C LYS A 13 5.23 1.41 4.19
N LEU A 14 4.71 1.35 5.43
CA LEU A 14 5.01 0.25 6.32
C LEU A 14 4.06 -0.91 6.06
N LEU A 15 2.80 -0.59 5.74
CA LEU A 15 1.80 -1.60 5.46
C LEU A 15 2.29 -2.51 4.35
N LYS A 16 3.15 -1.99 3.47
CA LYS A 16 3.69 -2.76 2.37
C LYS A 16 4.23 -4.08 2.88
N LYS A 17 5.16 -4.01 3.84
CA LYS A 17 5.77 -5.20 4.40
C LYS A 17 4.69 -6.22 4.73
N TRP A 18 3.45 -5.75 4.88
CA TRP A 18 2.34 -6.62 5.19
C TRP A 18 1.20 -6.39 4.21
N LYS A 19 1.32 -5.34 3.40
CA LYS A 19 0.29 -5.00 2.42
C LYS A 19 0.86 -5.16 1.01
N MET A 20 2.11 -5.62 0.91
CA MET A 20 2.75 -5.81 -0.37
C MET A 20 1.78 -6.47 -1.34
N ARG A 21 1.75 -5.96 -2.58
CA ARG A 21 0.87 -6.49 -3.60
C ARG A 21 -0.50 -5.84 -3.49
N ARG A 22 -0.57 -4.69 -2.82
CA ARG A 22 -1.81 -3.97 -2.65
C ARG A 22 -2.06 -3.07 -3.85
N ASN A 23 -2.26 -3.68 -5.02
CA ASN A 23 -2.50 -2.93 -6.24
C ASN A 23 -4.00 -2.79 -6.48
N GLN A 24 -4.55 -3.64 -7.35
CA GLN A 24 -5.96 -3.62 -7.67
C GLN A 24 -6.36 -4.92 -8.34
N PHE A 25 -5.63 -5.31 -9.37
CA PHE A 25 -5.92 -6.54 -10.10
C PHE A 25 -5.05 -7.67 -9.55
N TRP A 26 -3.80 -7.36 -9.21
CA TRP A 26 -2.88 -8.34 -8.69
C TRP A 26 -2.81 -8.23 -7.18
N VAL A 27 -3.96 -8.04 -6.53
CA VAL A 27 -4.02 -7.91 -5.09
C VAL A 27 -4.40 -9.25 -4.47
N LYS A 28 -3.42 -10.11 -4.24
CA LYS A 28 -3.65 -11.41 -3.66
C LYS A 28 -3.87 -12.44 -4.76
N VAL A 29 -3.16 -12.27 -5.88
CA VAL A 29 -3.27 -13.18 -6.99
C VAL A 29 -2.08 -14.14 -7.00
N GLN A 30 -1.52 -14.41 -5.83
CA GLN A 30 -0.38 -15.30 -5.71
C GLN A 30 -0.45 -16.06 -4.39
N ARG A 31 -0.73 -15.33 -3.30
CA ARG A 31 -0.82 -15.94 -1.99
C ARG A 31 0.41 -16.80 -1.72
N GLY A 32 1.37 -16.25 -0.96
CA GLY A 32 2.59 -16.97 -0.65
C GLY A 32 2.69 -17.20 0.85
N PRO A 1 -3.50 17.34 -4.37
CA PRO A 1 -2.38 16.59 -3.84
C PRO A 1 -2.36 15.21 -4.47
N PRO A 2 -1.17 14.62 -4.58
CA PRO A 2 -0.95 13.31 -5.15
C PRO A 2 -1.47 12.25 -4.19
N LEU A 3 -1.03 11.00 -4.39
CA LEU A 3 -1.44 9.90 -3.53
C LEU A 3 -0.24 9.06 -3.15
N SER A 4 0.21 9.18 -1.89
CA SER A 4 1.35 8.44 -1.40
C SER A 4 2.62 8.95 -2.07
N GLN A 5 3.43 9.70 -1.32
CA GLN A 5 4.66 10.26 -1.83
C GLN A 5 5.56 10.68 -0.68
N GLU A 6 5.41 11.93 -0.23
CA GLU A 6 6.19 12.46 0.86
C GLU A 6 5.29 12.83 2.03
N THR A 7 4.33 11.96 2.34
CA THR A 7 3.40 12.21 3.43
C THR A 7 2.54 10.97 3.67
N PHE A 8 1.37 10.93 3.02
CA PHE A 8 0.47 9.80 3.16
C PHE A 8 1.22 8.50 2.93
N SER A 9 2.39 8.59 2.29
CA SER A 9 3.20 7.41 2.01
C SER A 9 3.95 6.99 3.26
N ASP A 10 4.17 7.94 4.18
CA ASP A 10 4.87 7.66 5.42
C ASP A 10 4.05 6.69 6.26
N LEU A 11 2.74 6.67 6.04
CA LEU A 11 1.85 5.79 6.78
C LEU A 11 1.77 4.44 6.10
N TRP A 12 0.68 4.21 5.36
CA TRP A 12 0.48 2.96 4.66
C TRP A 12 1.54 1.95 5.09
N LYS A 13 2.76 2.44 5.32
CA LYS A 13 3.86 1.58 5.74
C LYS A 13 3.42 0.73 6.93
N LEU A 14 2.25 1.04 7.49
CA LEU A 14 1.73 0.32 8.63
C LEU A 14 0.96 -0.91 8.15
N LEU A 15 0.18 -0.74 7.08
CA LEU A 15 -0.60 -1.83 6.52
C LEU A 15 0.30 -3.04 6.25
N LYS A 16 1.57 -2.77 5.93
CA LYS A 16 2.52 -3.82 5.65
C LYS A 16 2.43 -4.90 6.73
N LYS A 17 2.62 -4.50 7.99
CA LYS A 17 2.56 -5.42 9.10
C LYS A 17 1.36 -6.36 8.94
N TRP A 18 0.37 -5.92 8.16
CA TRP A 18 -0.82 -6.72 7.93
C TRP A 18 -1.07 -6.85 6.43
N LYS A 19 -0.34 -6.07 5.63
CA LYS A 19 -0.49 -6.11 4.19
C LYS A 19 0.83 -6.53 3.55
N MET A 20 1.74 -7.08 4.36
CA MET A 20 3.02 -7.52 3.86
C MET A 20 2.83 -8.68 2.89
N ARG A 21 3.42 -8.56 1.69
CA ARG A 21 3.32 -9.59 0.69
C ARG A 21 1.86 -9.80 0.30
N ARG A 22 0.98 -8.93 0.80
CA ARG A 22 -0.44 -9.02 0.52
C ARG A 22 -0.75 -8.24 -0.76
N ASN A 23 -0.19 -8.70 -1.89
CA ASN A 23 -0.42 -8.06 -3.17
C ASN A 23 -0.46 -9.10 -4.27
N GLN A 24 -0.09 -10.34 -3.94
CA GLN A 24 -0.08 -11.42 -4.91
C GLN A 24 -1.24 -11.25 -5.88
N PHE A 25 -2.43 -11.71 -5.47
CA PHE A 25 -3.60 -11.60 -6.30
C PHE A 25 -4.44 -10.39 -5.89
N TRP A 26 -4.14 -9.85 -4.71
CA TRP A 26 -4.85 -8.69 -4.20
C TRP A 26 -4.64 -7.51 -5.13
N VAL A 27 -3.66 -7.62 -6.02
CA VAL A 27 -3.35 -6.56 -6.97
C VAL A 27 -4.58 -6.25 -7.81
N LYS A 28 -4.36 -5.75 -9.03
CA LYS A 28 -5.45 -5.42 -9.93
C LYS A 28 -6.65 -4.92 -9.13
N VAL A 29 -6.38 -4.15 -8.08
CA VAL A 29 -7.43 -3.61 -7.23
C VAL A 29 -7.20 -2.13 -6.98
N GLN A 30 -6.51 -1.47 -7.92
CA GLN A 30 -6.21 -0.06 -7.80
C GLN A 30 -5.65 0.47 -9.11
N ARG A 31 -4.45 0.03 -9.46
CA ARG A 31 -3.80 0.47 -10.69
C ARG A 31 -4.68 0.12 -11.88
N GLY A 32 -5.16 1.15 -12.59
CA GLY A 32 -6.02 0.95 -13.74
C GLY A 32 -6.15 2.25 -14.53
N PRO A 1 -6.86 3.47 3.69
CA PRO A 1 -7.69 4.50 3.11
C PRO A 1 -7.39 4.61 1.62
N PRO A 2 -8.42 4.91 0.83
CA PRO A 2 -8.33 5.07 -0.61
C PRO A 2 -7.60 6.37 -0.94
N LEU A 3 -6.27 6.35 -0.84
CA LEU A 3 -5.47 7.53 -1.12
C LEU A 3 -4.00 7.21 -0.91
N SER A 4 -3.12 7.82 -1.71
CA SER A 4 -1.69 7.60 -1.60
C SER A 4 -0.97 8.33 -2.72
N GLN A 5 -0.09 9.27 -2.35
CA GLN A 5 0.67 10.03 -3.32
C GLN A 5 1.95 10.54 -2.69
N GLU A 6 1.97 11.82 -2.31
CA GLU A 6 3.13 12.42 -1.69
C GLU A 6 2.83 12.80 -0.26
N THR A 7 2.12 11.93 0.46
CA THR A 7 1.76 12.17 1.84
C THR A 7 1.42 10.86 2.53
N PHE A 8 0.12 10.52 2.56
CA PHE A 8 -0.34 9.31 3.19
C PHE A 8 0.48 8.12 2.67
N SER A 9 1.14 8.30 1.52
CA SER A 9 1.94 7.26 0.93
C SER A 9 3.27 7.16 1.67
N ASP A 10 3.70 8.26 2.28
CA ASP A 10 4.96 8.29 3.01
C ASP A 10 4.89 7.34 4.19
N LEU A 11 3.67 7.06 4.66
CA LEU A 11 3.46 6.16 5.79
C LEU A 11 3.36 4.73 5.29
N TRP A 12 2.14 4.19 5.24
CA TRP A 12 1.92 2.83 4.78
C TRP A 12 3.26 2.10 4.67
N LYS A 13 4.30 2.81 4.25
CA LYS A 13 5.61 2.23 4.11
C LYS A 13 6.04 1.59 5.42
N LEU A 14 5.13 1.57 6.40
CA LEU A 14 5.42 0.99 7.69
C LEU A 14 4.73 -0.36 7.81
N LEU A 15 3.59 -0.52 7.12
CA LEU A 15 2.84 -1.75 7.16
C LEU A 15 3.10 -2.54 5.88
N LYS A 16 3.81 -1.94 4.94
CA LYS A 16 4.12 -2.59 3.67
C LYS A 16 4.23 -4.09 3.88
N LYS A 17 5.34 -4.55 4.44
CA LYS A 17 5.56 -5.96 4.69
C LYS A 17 4.28 -6.59 5.21
N TRP A 18 3.46 -5.80 5.90
CA TRP A 18 2.21 -6.28 6.45
C TRP A 18 1.04 -5.67 5.71
N LYS A 19 1.32 -4.65 4.89
CA LYS A 19 0.29 -3.98 4.12
C LYS A 19 0.36 -4.41 2.66
N MET A 20 1.28 -5.33 2.35
CA MET A 20 1.45 -5.82 1.01
C MET A 20 0.12 -5.79 0.27
N ARG A 21 0.17 -5.64 -1.06
CA ARG A 21 -1.03 -5.60 -1.86
C ARG A 21 -1.71 -4.24 -1.71
N ARG A 22 -1.14 -3.38 -0.86
CA ARG A 22 -1.68 -2.06 -0.64
C ARG A 22 -0.95 -1.04 -1.50
N ASN A 23 -1.08 -1.18 -2.83
CA ASN A 23 -0.44 -0.27 -3.75
C ASN A 23 -1.46 0.70 -4.32
N GLN A 24 -1.89 0.47 -5.57
CA GLN A 24 -2.86 1.32 -6.22
C GLN A 24 -3.40 0.64 -7.46
N PHE A 25 -2.50 0.09 -8.29
CA PHE A 25 -2.90 -0.59 -9.50
C PHE A 25 -2.78 -2.10 -9.30
N TRP A 26 -1.70 -2.54 -8.67
CA TRP A 26 -1.48 -3.95 -8.42
C TRP A 26 -1.98 -4.32 -7.04
N VAL A 27 -3.00 -3.59 -6.56
CA VAL A 27 -3.57 -3.84 -5.25
C VAL A 27 -4.38 -5.14 -5.28
N LYS A 28 -3.71 -6.25 -5.60
CA LYS A 28 -4.37 -7.54 -5.67
C LYS A 28 -3.55 -8.50 -6.50
N VAL A 29 -2.24 -8.51 -6.29
CA VAL A 29 -1.35 -9.38 -7.02
C VAL A 29 -0.69 -10.37 -6.07
N GLN A 30 -1.39 -10.71 -5.00
CA GLN A 30 -0.88 -11.65 -4.02
C GLN A 30 -1.28 -13.07 -4.39
N ARG A 31 -0.38 -14.02 -4.18
CA ARG A 31 -0.64 -15.41 -4.50
C ARG A 31 -2.07 -15.76 -4.14
N GLY A 32 -2.47 -15.45 -2.91
CA GLY A 32 -3.82 -15.74 -2.45
C GLY A 32 -3.79 -16.32 -1.04
N PRO A 1 7.94 11.78 10.40
CA PRO A 1 7.27 12.97 10.86
C PRO A 1 5.79 12.90 10.52
N PRO A 2 4.94 13.47 11.37
CA PRO A 2 3.50 13.49 11.20
C PRO A 2 3.13 14.45 10.08
N LEU A 3 2.67 13.91 8.95
CA LEU A 3 2.29 14.71 7.81
C LEU A 3 1.87 13.81 6.66
N SER A 4 0.80 14.20 5.96
CA SER A 4 0.30 13.44 4.83
C SER A 4 -0.54 14.31 3.93
N GLN A 5 -0.10 14.51 2.69
CA GLN A 5 -0.80 15.33 1.73
C GLN A 5 -0.56 14.81 0.32
N GLU A 6 0.52 15.29 -0.31
CA GLU A 6 0.85 14.87 -1.66
C GLU A 6 2.27 14.29 -1.68
N THR A 7 2.59 13.46 -0.70
CA THR A 7 3.90 12.84 -0.62
C THR A 7 3.91 11.79 0.48
N PHE A 8 4.26 12.19 1.70
CA PHE A 8 4.31 11.28 2.83
C PHE A 8 3.01 10.50 2.91
N SER A 9 1.96 11.00 2.27
CA SER A 9 0.67 10.36 2.28
C SER A 9 0.67 9.19 1.30
N ASP A 10 1.55 9.24 0.30
CA ASP A 10 1.66 8.20 -0.69
C ASP A 10 2.14 6.91 -0.04
N LEU A 11 2.85 7.04 1.09
CA LEU A 11 3.36 5.89 1.80
C LEU A 11 2.30 5.36 2.76
N TRP A 12 2.41 5.72 4.04
CA TRP A 12 1.46 5.28 5.04
C TRP A 12 0.51 4.26 4.44
N LYS A 13 0.15 4.47 3.17
CA LYS A 13 -0.76 3.57 2.48
C LYS A 13 -0.27 2.13 2.61
N LEU A 14 0.95 1.96 3.11
CA LEU A 14 1.53 0.64 3.30
C LEU A 14 1.04 0.04 4.61
N LEU A 15 0.78 0.90 5.59
CA LEU A 15 0.30 0.44 6.89
C LEU A 15 -1.21 0.34 6.88
N LYS A 16 -1.83 0.69 5.75
CA LYS A 16 -3.27 0.64 5.62
C LYS A 16 -3.65 -0.53 4.73
N LYS A 17 -3.19 -0.52 3.48
CA LYS A 17 -3.50 -1.58 2.54
C LYS A 17 -2.62 -2.79 2.82
N TRP A 18 -1.68 -2.64 3.75
CA TRP A 18 -0.79 -3.73 4.11
C TRP A 18 -0.94 -4.88 3.13
N LYS A 19 -2.20 -5.25 2.85
CA LYS A 19 -2.48 -6.34 1.93
C LYS A 19 -2.16 -5.91 0.50
N MET A 20 -1.59 -4.71 0.36
CA MET A 20 -1.24 -4.18 -0.95
C MET A 20 -1.04 -5.33 -1.93
N ARG A 21 -1.53 -5.16 -3.16
CA ARG A 21 -1.41 -6.18 -4.18
C ARG A 21 -2.46 -7.27 -3.97
N ARG A 22 -3.33 -7.06 -2.98
CA ARG A 22 -4.38 -8.01 -2.67
C ARG A 22 -5.65 -7.63 -3.44
N ASN A 23 -5.59 -7.70 -4.77
CA ASN A 23 -6.73 -7.38 -5.61
C ASN A 23 -7.28 -8.64 -6.26
N GLN A 24 -7.00 -8.80 -7.56
CA GLN A 24 -7.46 -9.96 -8.29
C GLN A 24 -6.33 -10.51 -9.15
N PHE A 25 -6.45 -10.35 -10.47
CA PHE A 25 -5.43 -10.83 -11.39
C PHE A 25 -4.05 -10.60 -10.79
N TRP A 26 -3.91 -9.55 -9.99
CA TRP A 26 -2.64 -9.22 -9.37
C TRP A 26 -2.72 -9.48 -7.87
N VAL A 27 -3.05 -10.72 -7.49
CA VAL A 27 -3.16 -11.08 -6.08
C VAL A 27 -1.87 -11.75 -5.63
N LYS A 28 -1.98 -12.99 -5.15
CA LYS A 28 -0.83 -13.74 -4.68
C LYS A 28 -0.12 -14.40 -5.86
N VAL A 29 -0.01 -13.66 -6.98
CA VAL A 29 0.64 -14.19 -8.17
C VAL A 29 2.14 -14.25 -7.95
N GLN A 30 2.58 -15.17 -7.07
CA GLN A 30 3.99 -15.32 -6.77
C GLN A 30 4.51 -14.07 -6.08
N ARG A 31 4.54 -14.07 -4.75
CA ARG A 31 5.02 -12.94 -3.99
C ARG A 31 6.50 -12.71 -4.28
N GLY A 32 7.21 -13.79 -4.64
CA GLY A 32 8.63 -13.69 -4.95
C GLY A 32 8.85 -12.75 -6.13
N PRO A 1 -8.07 9.81 5.80
CA PRO A 1 -7.29 10.92 6.31
C PRO A 1 -7.38 12.09 5.33
N PRO A 2 -7.36 13.31 5.87
CA PRO A 2 -7.43 14.54 5.11
C PRO A 2 -6.11 14.77 4.37
N LEU A 3 -6.00 14.23 3.16
CA LEU A 3 -4.80 14.37 2.37
C LEU A 3 -3.68 13.54 2.97
N SER A 4 -2.97 12.79 2.12
CA SER A 4 -1.88 11.95 2.58
C SER A 4 -1.03 11.51 1.39
N GLN A 5 0.06 12.23 1.13
CA GLN A 5 0.94 11.93 0.03
C GLN A 5 1.77 13.15 -0.33
N GLU A 6 1.26 14.34 -0.02
CA GLU A 6 1.95 15.58 -0.31
C GLU A 6 2.10 16.40 0.96
N THR A 7 2.70 15.81 1.99
CA THR A 7 2.90 16.50 3.25
C THR A 7 3.49 15.54 4.27
N PHE A 8 2.63 14.71 4.88
CA PHE A 8 3.08 13.76 5.87
C PHE A 8 3.41 12.43 5.20
N SER A 9 3.02 12.29 3.94
CA SER A 9 3.26 11.07 3.19
C SER A 9 4.38 10.28 3.86
N ASP A 10 5.40 10.98 4.37
CA ASP A 10 6.51 10.34 5.04
C ASP A 10 6.01 9.19 5.90
N LEU A 11 4.93 9.42 6.64
CA LEU A 11 4.35 8.41 7.50
C LEU A 11 3.77 7.29 6.66
N TRP A 12 2.44 7.20 6.61
CA TRP A 12 1.77 6.17 5.83
C TRP A 12 2.78 5.11 5.42
N LYS A 13 3.99 5.52 5.08
CA LYS A 13 5.04 4.61 4.67
C LYS A 13 5.13 3.46 5.67
N LEU A 14 4.40 3.57 6.78
CA LEU A 14 4.41 2.55 7.80
C LEU A 14 3.38 1.47 7.47
N LEU A 15 2.23 1.88 6.94
CA LEU A 15 1.17 0.96 6.59
C LEU A 15 1.64 0.06 5.44
N LYS A 16 2.78 0.41 4.83
CA LYS A 16 3.32 -0.36 3.73
C LYS A 16 3.47 -1.82 4.16
N LYS A 17 4.00 -2.05 5.35
CA LYS A 17 4.20 -3.38 5.86
C LYS A 17 2.88 -4.15 5.83
N TRP A 18 1.77 -3.43 5.99
CA TRP A 18 0.46 -4.03 5.97
C TRP A 18 -0.21 -3.80 4.63
N LYS A 19 0.34 -2.87 3.84
CA LYS A 19 -0.21 -2.55 2.54
C LYS A 19 0.44 -3.43 1.48
N MET A 20 1.42 -4.24 1.89
CA MET A 20 2.11 -5.13 0.98
C MET A 20 1.11 -6.03 0.26
N ARG A 21 1.52 -6.55 -0.91
CA ARG A 21 0.66 -7.42 -1.68
C ARG A 21 -0.48 -6.61 -2.29
N ARG A 22 -0.46 -5.29 -2.08
CA ARG A 22 -1.49 -4.41 -2.59
C ARG A 22 -1.10 -3.93 -3.98
N ASN A 23 -1.02 -4.85 -4.94
CA ASN A 23 -0.67 -4.51 -6.31
C ASN A 23 -1.72 -5.02 -7.27
N GLN A 24 -1.29 -5.74 -8.30
CA GLN A 24 -2.20 -6.30 -9.29
C GLN A 24 -2.39 -7.79 -9.05
N PHE A 25 -1.78 -8.61 -9.91
CA PHE A 25 -1.89 -10.04 -9.79
C PHE A 25 -1.57 -10.47 -8.37
N TRP A 26 -0.55 -9.85 -7.77
CA TRP A 26 -0.15 -10.16 -6.41
C TRP A 26 -1.37 -10.18 -5.51
N VAL A 27 -2.40 -9.41 -5.86
CA VAL A 27 -3.61 -9.34 -5.08
C VAL A 27 -4.55 -10.47 -5.50
N LYS A 28 -4.02 -11.44 -6.25
CA LYS A 28 -4.81 -12.57 -6.72
C LYS A 28 -3.90 -13.66 -7.26
N VAL A 29 -2.85 -13.99 -6.49
CA VAL A 29 -1.91 -15.01 -6.89
C VAL A 29 -2.37 -16.37 -6.36
N GLN A 30 -3.45 -16.90 -6.94
CA GLN A 30 -3.97 -18.19 -6.53
C GLN A 30 -4.52 -18.93 -7.73
N ARG A 31 -3.68 -19.12 -8.75
CA ARG A 31 -4.09 -19.81 -9.96
C ARG A 31 -4.99 -21.00 -9.60
N GLY A 32 -4.46 -21.92 -8.81
CA GLY A 32 -5.21 -23.08 -8.39
C GLY A 32 -6.67 -22.71 -8.13
N PRO A 1 -9.61 19.28 4.61
CA PRO A 1 -8.92 18.21 5.28
C PRO A 1 -8.03 17.48 4.28
N PRO A 2 -6.71 17.53 4.52
CA PRO A 2 -5.71 16.90 3.69
C PRO A 2 -5.76 15.39 3.88
N LEU A 3 -4.69 14.70 3.47
CA LEU A 3 -4.62 13.26 3.60
C LEU A 3 -3.41 12.74 2.84
N SER A 4 -2.39 12.29 3.57
CA SER A 4 -1.18 11.77 2.96
C SER A 4 -0.58 12.81 2.03
N GLN A 5 0.55 13.39 2.44
CA GLN A 5 1.22 14.40 1.64
C GLN A 5 2.64 14.58 2.13
N GLU A 6 2.86 15.55 3.03
CA GLU A 6 4.17 15.82 3.56
C GLU A 6 4.20 15.51 5.05
N THR A 7 3.59 14.38 5.44
CA THR A 7 3.54 13.98 6.83
C THR A 7 3.06 12.54 6.93
N PHE A 8 1.76 12.37 7.20
CA PHE A 8 1.18 11.05 7.32
C PHE A 8 1.65 10.16 6.17
N SER A 9 2.18 10.78 5.13
CA SER A 9 2.68 10.05 3.97
C SER A 9 4.03 9.43 4.28
N ASP A 10 4.83 10.14 5.08
CA ASP A 10 6.15 9.66 5.46
C ASP A 10 6.04 8.28 6.09
N LEU A 11 4.92 8.02 6.77
CA LEU A 11 4.68 6.75 7.42
C LEU A 11 4.23 5.72 6.39
N TRP A 12 2.93 5.42 6.37
CA TRP A 12 2.38 4.46 5.44
C TRP A 12 3.52 3.71 4.75
N LYS A 13 4.60 4.43 4.44
CA LYS A 13 5.74 3.82 3.78
C LYS A 13 6.16 2.57 4.51
N LEU A 14 5.56 2.32 5.68
CA LEU A 14 5.87 1.15 6.48
C LEU A 14 4.98 -0.01 6.07
N LEU A 15 3.71 0.29 5.78
CA LEU A 15 2.76 -0.72 5.38
C LEU A 15 2.98 -1.11 3.93
N LYS A 16 3.79 -0.31 3.23
CA LYS A 16 4.09 -0.57 1.83
C LYS A 16 4.34 -2.06 1.62
N LYS A 17 5.23 -2.63 2.44
CA LYS A 17 5.55 -4.04 2.34
C LYS A 17 4.28 -4.87 2.36
N TRP A 18 3.24 -4.35 3.01
CA TRP A 18 1.96 -5.05 3.09
C TRP A 18 0.92 -4.32 2.26
N LYS A 19 1.24 -3.11 1.82
CA LYS A 19 0.33 -2.31 1.02
C LYS A 19 0.64 -2.50 -0.46
N MET A 20 1.70 -3.27 -0.76
CA MET A 20 2.09 -3.52 -2.13
C MET A 20 1.21 -4.62 -2.73
N ARG A 21 1.24 -4.74 -4.05
CA ARG A 21 0.45 -5.75 -4.74
C ARG A 21 -1.03 -5.44 -4.57
N ARG A 22 -1.34 -4.27 -4.01
CA ARG A 22 -2.71 -3.86 -3.78
C ARG A 22 -3.23 -3.11 -5.01
N ASN A 23 -3.31 -3.80 -6.15
CA ASN A 23 -3.79 -3.19 -7.37
C ASN A 23 -5.17 -3.72 -7.70
N GLN A 24 -5.25 -4.65 -8.65
CA GLN A 24 -6.51 -5.22 -9.06
C GLN A 24 -6.58 -6.68 -8.62
N PHE A 25 -6.20 -7.60 -9.52
CA PHE A 25 -6.21 -9.01 -9.21
C PHE A 25 -4.94 -9.40 -8.47
N TRP A 26 -3.95 -8.51 -8.46
CA TRP A 26 -2.70 -8.76 -7.78
C TRP A 26 -2.95 -9.02 -6.30
N VAL A 27 -4.16 -8.70 -5.84
CA VAL A 27 -4.52 -8.89 -4.46
C VAL A 27 -4.76 -10.38 -4.19
N LYS A 28 -4.47 -11.21 -5.19
CA LYS A 28 -4.65 -12.65 -5.06
C LYS A 28 -3.56 -13.38 -5.84
N VAL A 29 -2.31 -13.14 -5.48
CA VAL A 29 -1.18 -13.77 -6.14
C VAL A 29 -0.60 -14.85 -5.24
N GLN A 30 -1.44 -15.43 -4.38
CA GLN A 30 -1.00 -16.47 -3.47
C GLN A 30 -0.70 -17.75 -4.24
N ARG A 31 -1.73 -18.33 -4.86
CA ARG A 31 -1.58 -19.55 -5.64
C ARG A 31 -1.59 -19.22 -7.12
N GLY A 32 -0.45 -18.76 -7.64
CA GLY A 32 -0.34 -18.42 -9.04
C GLY A 32 0.04 -16.95 -9.19
N PRO A 1 -11.18 14.07 1.64
CA PRO A 1 -9.77 14.07 1.98
C PRO A 1 -9.01 13.18 0.99
N PRO A 2 -7.76 13.54 0.71
CA PRO A 2 -6.90 12.83 -0.20
C PRO A 2 -6.45 11.52 0.44
N LEU A 3 -5.39 10.91 -0.11
CA LEU A 3 -4.87 9.66 0.41
C LEU A 3 -3.39 9.56 0.12
N SER A 4 -2.57 9.55 1.17
CA SER A 4 -1.13 9.45 1.03
C SER A 4 -0.61 10.66 0.27
N GLN A 5 0.12 11.54 0.96
CA GLN A 5 0.67 12.73 0.35
C GLN A 5 1.74 13.32 1.25
N GLU A 6 1.32 14.14 2.22
CA GLU A 6 2.24 14.77 3.15
C GLU A 6 1.82 14.49 4.57
N THR A 7 1.43 13.23 4.84
CA THR A 7 1.00 12.83 6.17
C THR A 7 0.81 11.33 6.22
N PHE A 8 -0.39 10.87 5.90
CA PHE A 8 -0.70 9.45 5.91
C PHE A 8 0.37 8.69 5.13
N SER A 9 1.11 9.39 4.28
CA SER A 9 2.15 8.78 3.48
C SER A 9 3.38 8.55 4.34
N ASP A 10 3.55 9.36 5.39
CA ASP A 10 4.68 9.23 6.28
C ASP A 10 4.65 7.88 6.96
N LEU A 11 3.47 7.28 7.08
CA LEU A 11 3.31 5.99 7.71
C LEU A 11 3.53 4.89 6.68
N TRP A 12 2.44 4.28 6.22
CA TRP A 12 2.53 3.21 5.24
C TRP A 12 3.99 2.76 5.09
N LYS A 13 4.91 3.71 5.17
CA LYS A 13 6.32 3.41 5.05
C LYS A 13 6.71 2.34 6.05
N LEU A 14 5.73 1.81 6.78
CA LEU A 14 5.97 0.78 7.78
C LEU A 14 5.54 -0.57 7.24
N LEU A 15 4.53 -0.56 6.35
CA LEU A 15 4.03 -1.79 5.77
C LEU A 15 4.57 -1.95 4.35
N LYS A 16 5.24 -0.91 3.84
CA LYS A 16 5.80 -0.93 2.51
C LYS A 16 6.14 -2.37 2.13
N LYS A 17 7.25 -2.88 2.66
CA LYS A 17 7.68 -4.23 2.37
C LYS A 17 6.48 -5.17 2.39
N TRP A 18 5.50 -4.87 3.24
CA TRP A 18 4.30 -5.69 3.35
C TRP A 18 3.13 -4.97 2.70
N LYS A 19 3.30 -3.68 2.40
CA LYS A 19 2.25 -2.90 1.79
C LYS A 19 2.52 -2.76 0.30
N MET A 20 3.62 -3.35 -0.18
CA MET A 20 3.97 -3.28 -1.57
C MET A 20 3.11 -4.24 -2.38
N ARG A 21 3.07 -4.04 -3.70
CA ARG A 21 2.28 -4.89 -4.57
C ARG A 21 0.81 -4.82 -4.18
N ARG A 22 0.47 -3.86 -3.31
CA ARG A 22 -0.89 -3.70 -2.85
C ARG A 22 -1.62 -2.71 -3.76
N ASN A 23 -1.81 -3.07 -5.02
CA ASN A 23 -2.48 -2.21 -5.97
C ASN A 23 -3.81 -2.83 -6.38
N GLN A 24 -3.83 -3.51 -7.53
CA GLN A 24 -5.04 -4.15 -8.02
C GLN A 24 -4.69 -5.45 -8.72
N PHE A 25 -4.83 -5.48 -10.05
CA PHE A 25 -4.52 -6.67 -10.81
C PHE A 25 -3.35 -7.40 -10.19
N TRP A 26 -2.43 -6.67 -9.58
CA TRP A 26 -1.26 -7.26 -8.94
C TRP A 26 -1.38 -7.13 -7.44
N VAL A 27 -2.39 -7.80 -6.86
CA VAL A 27 -2.61 -7.76 -5.44
C VAL A 27 -2.74 -9.17 -4.89
N LYS A 28 -3.80 -9.43 -4.13
CA LYS A 28 -4.04 -10.74 -3.56
C LYS A 28 -4.73 -11.64 -4.58
N VAL A 29 -4.30 -11.53 -5.84
CA VAL A 29 -4.87 -12.32 -6.91
C VAL A 29 -4.32 -13.74 -6.85
N GLN A 30 -4.71 -14.51 -5.82
CA GLN A 30 -4.25 -15.87 -5.66
C GLN A 30 -4.95 -16.52 -4.49
N ARG A 31 -5.05 -17.85 -4.50
CA ARG A 31 -5.70 -18.59 -3.45
C ARG A 31 -5.07 -18.23 -2.11
N GLY A 32 -5.74 -17.36 -1.34
CA GLY A 32 -5.24 -16.95 -0.05
C GLY A 32 -5.72 -17.90 1.03
N PRO A 1 -4.50 9.03 10.46
CA PRO A 1 -5.48 9.80 9.71
C PRO A 1 -4.98 10.02 8.29
N PRO A 2 -5.85 10.56 7.43
CA PRO A 2 -5.56 10.83 6.04
C PRO A 2 -4.61 12.02 5.95
N LEU A 3 -3.37 11.76 5.52
CA LEU A 3 -2.37 12.80 5.39
C LEU A 3 -1.05 12.20 4.92
N SER A 4 -0.42 12.83 3.92
CA SER A 4 0.84 12.35 3.40
C SER A 4 1.55 13.48 2.68
N GLN A 5 2.70 13.90 3.21
CA GLN A 5 3.47 14.98 2.60
C GLN A 5 4.95 14.76 2.88
N GLU A 6 5.48 15.46 3.89
CA GLU A 6 6.88 15.34 4.24
C GLU A 6 7.01 14.72 5.63
N THR A 7 6.21 13.70 5.91
CA THR A 7 6.24 13.03 7.19
C THR A 7 5.52 11.69 7.10
N PHE A 8 4.22 11.69 7.44
CA PHE A 8 3.43 10.47 7.39
C PHE A 8 3.57 9.82 6.02
N SER A 9 4.03 10.59 5.04
CA SER A 9 4.20 10.09 3.69
C SER A 9 5.44 9.21 3.62
N ASP A 10 6.43 9.50 4.47
CA ASP A 10 7.66 8.75 4.50
C ASP A 10 7.37 7.29 4.84
N LEU A 11 6.26 7.05 5.54
CA LEU A 11 5.86 5.71 5.92
C LEU A 11 5.07 5.07 4.80
N TRP A 12 3.74 5.03 4.95
CA TRP A 12 2.87 4.44 3.94
C TRP A 12 3.70 3.71 2.91
N LYS A 13 4.86 4.27 2.56
CA LYS A 13 5.75 3.67 1.59
C LYS A 13 5.99 2.21 1.93
N LEU A 14 5.50 1.79 3.10
CA LEU A 14 5.66 0.41 3.55
C LEU A 14 4.51 -0.44 3.05
N LEU A 15 3.32 0.16 2.99
CA LEU A 15 2.14 -0.55 2.52
C LEU A 15 1.93 -0.30 1.04
N LYS A 16 2.60 0.71 0.50
CA LYS A 16 2.50 1.05 -0.90
C LYS A 16 2.34 -0.22 -1.72
N LYS A 17 2.75 -1.36 -1.16
CA LYS A 17 2.65 -2.63 -1.84
C LYS A 17 1.32 -3.29 -1.51
N TRP A 18 0.60 -2.75 -0.52
CA TRP A 18 -0.68 -3.29 -0.12
C TRP A 18 -1.71 -3.04 -1.22
N LYS A 19 -1.74 -1.81 -1.74
CA LYS A 19 -2.66 -1.44 -2.79
C LYS A 19 -2.24 -2.06 -4.10
N MET A 20 -1.10 -2.75 -4.10
CA MET A 20 -0.58 -3.39 -5.29
C MET A 20 -1.01 -4.85 -5.33
N ARG A 21 -0.98 -5.46 -6.51
CA ARG A 21 -1.36 -6.85 -6.67
C ARG A 21 -2.83 -7.02 -6.33
N ARG A 22 -3.54 -5.90 -6.17
CA ARG A 22 -4.96 -5.93 -5.83
C ARG A 22 -5.78 -5.84 -7.11
N ASN A 23 -5.70 -6.88 -7.95
CA ASN A 23 -6.44 -6.91 -9.20
C ASN A 23 -7.80 -7.55 -8.98
N GLN A 24 -7.90 -8.86 -9.22
CA GLN A 24 -9.13 -9.59 -9.05
C GLN A 24 -8.84 -11.06 -8.79
N PHE A 25 -7.88 -11.62 -9.53
CA PHE A 25 -7.51 -13.02 -9.38
C PHE A 25 -6.23 -13.12 -8.56
N TRP A 26 -5.30 -12.17 -8.77
CA TRP A 26 -4.05 -12.17 -8.06
C TRP A 26 -4.12 -11.19 -6.90
N VAL A 27 -5.29 -11.07 -6.28
CA VAL A 27 -5.49 -10.17 -5.17
C VAL A 27 -5.17 -10.89 -3.86
N LYS A 28 -3.96 -11.45 -3.77
CA LYS A 28 -3.54 -12.16 -2.58
C LYS A 28 -2.37 -13.08 -2.91
N VAL A 29 -1.41 -12.57 -3.69
CA VAL A 29 -0.25 -13.34 -4.07
C VAL A 29 0.96 -12.89 -3.28
N GLN A 30 0.72 -12.39 -2.06
CA GLN A 30 1.79 -11.93 -1.20
C GLN A 30 1.23 -11.56 0.17
N ARG A 31 0.90 -12.57 0.98
CA ARG A 31 0.36 -12.35 2.30
C ARG A 31 1.35 -11.53 3.13
N GLY A 32 0.82 -10.65 3.98
CA GLY A 32 1.65 -9.82 4.82
C GLY A 32 0.86 -9.31 6.01
N PRO A 1 -8.26 21.81 4.36
CA PRO A 1 -8.07 20.66 5.21
C PRO A 1 -6.90 19.83 4.71
N PRO A 2 -5.84 19.75 5.50
CA PRO A 2 -4.63 19.02 5.19
C PRO A 2 -4.91 17.53 5.30
N LEU A 3 -4.13 16.71 4.56
CA LEU A 3 -4.30 15.28 4.57
C LEU A 3 -3.27 14.63 3.66
N SER A 4 -2.25 14.02 4.25
CA SER A 4 -1.20 13.37 3.50
C SER A 4 -0.62 14.33 2.48
N GLN A 5 0.59 14.84 2.76
CA GLN A 5 1.25 15.79 1.87
C GLN A 5 2.72 15.90 2.25
N GLU A 6 3.03 16.85 3.13
CA GLU A 6 4.40 17.06 3.56
C GLU A 6 4.52 16.81 5.06
N THR A 7 3.88 15.73 5.54
CA THR A 7 3.92 15.39 6.95
C THR A 7 3.37 13.98 7.15
N PHE A 8 2.06 13.90 7.42
CA PHE A 8 1.42 12.62 7.64
C PHE A 8 1.76 11.67 6.50
N SER A 9 2.21 12.22 5.37
CA SER A 9 2.57 11.43 4.21
C SER A 9 3.93 10.79 4.42
N ASP A 10 4.75 11.40 5.28
CA ASP A 10 6.08 10.89 5.57
C ASP A 10 5.96 9.54 6.27
N LEU A 11 4.83 9.30 6.93
CA LEU A 11 4.60 8.07 7.65
C LEU A 11 4.01 7.02 6.70
N TRP A 12 2.70 6.83 6.78
CA TRP A 12 2.01 5.86 5.93
C TRP A 12 3.04 5.03 5.18
N LYS A 13 4.13 5.66 4.76
CA LYS A 13 5.18 4.97 4.02
C LYS A 13 5.58 3.70 4.77
N LEU A 14 5.06 3.54 5.99
CA LEU A 14 5.36 2.37 6.79
C LEU A 14 4.40 1.23 6.45
N LEU A 15 3.13 1.57 6.20
CA LEU A 15 2.13 0.59 5.86
C LEU A 15 2.47 -0.06 4.53
N LYS A 16 3.45 0.52 3.82
CA LYS A 16 3.86 -0.01 2.53
C LYS A 16 4.22 -1.48 2.66
N LYS A 17 4.99 -1.82 3.71
CA LYS A 17 5.40 -3.18 3.94
C LYS A 17 4.18 -4.09 4.01
N TRP A 18 3.04 -3.55 4.45
CA TRP A 18 1.81 -4.31 4.55
C TRP A 18 0.88 -3.95 3.40
N LYS A 19 1.20 -2.86 2.70
CA LYS A 19 0.39 -2.41 1.58
C LYS A 19 0.96 -2.96 0.28
N MET A 20 2.09 -3.66 0.37
CA MET A 20 2.73 -4.23 -0.80
C MET A 20 2.01 -5.50 -1.21
N ARG A 21 2.37 -6.03 -2.40
CA ARG A 21 1.76 -7.24 -2.90
C ARG A 21 0.27 -7.01 -3.15
N ARG A 22 -0.17 -5.76 -3.02
CA ARG A 22 -1.55 -5.41 -3.24
C ARG A 22 -1.75 -4.89 -4.66
N ASN A 23 -1.52 -5.77 -5.64
CA ASN A 23 -1.67 -5.40 -7.03
C ASN A 23 -2.87 -6.12 -7.64
N GLN A 24 -2.60 -7.07 -8.54
CA GLN A 24 -3.66 -7.83 -9.19
C GLN A 24 -3.08 -9.03 -9.89
N PHE A 25 -1.79 -8.95 -10.26
CA PHE A 25 -1.12 -10.03 -10.94
C PHE A 25 -1.72 -11.36 -10.50
N TRP A 26 -1.75 -11.60 -9.20
CA TRP A 26 -2.29 -12.84 -8.66
C TRP A 26 -3.80 -12.85 -8.83
N VAL A 27 -4.28 -12.41 -10.00
CA VAL A 27 -5.70 -12.38 -10.28
C VAL A 27 -6.17 -13.75 -10.71
N LYS A 28 -5.31 -14.76 -10.56
CA LYS A 28 -5.64 -16.12 -10.93
C LYS A 28 -5.05 -17.09 -9.92
N VAL A 29 -5.42 -16.93 -8.65
CA VAL A 29 -4.92 -17.79 -7.59
C VAL A 29 -5.97 -18.83 -7.25
N GLN A 30 -6.17 -19.80 -8.15
CA GLN A 30 -7.15 -20.86 -7.93
C GLN A 30 -7.07 -21.34 -6.48
N ARG A 31 -5.89 -21.78 -6.06
CA ARG A 31 -5.69 -22.28 -4.71
C ARG A 31 -6.09 -21.21 -3.72
N GLY A 32 -5.90 -19.94 -4.08
CA GLY A 32 -6.24 -18.82 -3.21
C GLY A 32 -5.06 -18.46 -2.33
N PRO A 1 -8.48 19.68 2.59
CA PRO A 1 -7.69 19.05 3.62
C PRO A 1 -6.60 18.21 2.98
N PRO A 2 -5.35 18.44 3.39
CA PRO A 2 -4.19 17.73 2.89
C PRO A 2 -4.18 16.30 3.44
N LEU A 3 -3.35 15.45 2.84
CA LEU A 3 -3.25 14.07 3.28
C LEU A 3 -2.13 13.37 2.52
N SER A 4 -1.23 12.72 3.25
CA SER A 4 -0.12 12.00 2.64
C SER A 4 0.64 12.94 1.72
N GLN A 5 1.82 13.40 2.18
CA GLN A 5 2.64 14.30 1.40
C GLN A 5 4.05 14.34 1.97
N GLU A 6 4.28 15.25 2.92
CA GLU A 6 5.58 15.38 3.55
C GLU A 6 5.47 15.08 5.03
N THR A 7 4.74 14.02 5.38
CA THR A 7 4.57 13.64 6.76
C THR A 7 3.86 12.29 6.84
N PHE A 8 2.53 12.33 7.00
CA PHE A 8 1.73 11.11 7.08
C PHE A 8 2.14 10.15 5.98
N SER A 9 2.84 10.67 4.96
CA SER A 9 3.29 9.86 3.84
C SER A 9 4.51 9.05 4.24
N ASP A 10 5.35 9.64 5.11
CA ASP A 10 6.56 8.98 5.57
C ASP A 10 6.20 7.64 6.20
N LEU A 11 5.00 7.55 6.77
CA LEU A 11 4.55 6.32 7.41
C LEU A 11 4.01 5.36 6.36
N TRP A 12 2.68 5.26 6.26
CA TRP A 12 2.06 4.38 5.29
C TRP A 12 3.10 3.46 4.68
N LYS A 13 4.30 4.00 4.43
CA LYS A 13 5.37 3.23 3.85
C LYS A 13 5.56 1.93 4.62
N LEU A 14 4.85 1.79 5.74
CA LEU A 14 4.94 0.60 6.56
C LEU A 14 3.90 -0.42 6.12
N LEU A 15 2.71 0.07 5.76
CA LEU A 15 1.63 -0.80 5.32
C LEU A 15 1.86 -1.19 3.87
N LYS A 16 2.81 -0.54 3.21
CA LYS A 16 3.11 -0.82 1.81
C LYS A 16 3.11 -2.32 1.58
N LYS A 17 3.84 -3.06 2.42
CA LYS A 17 3.92 -4.50 2.30
C LYS A 17 2.51 -5.09 2.26
N TRP A 18 1.56 -4.40 2.90
CA TRP A 18 0.18 -4.87 2.94
C TRP A 18 -0.69 -3.96 2.08
N LYS A 19 -0.14 -2.81 1.69
CA LYS A 19 -0.88 -1.86 0.88
C LYS A 19 -0.58 -2.11 -0.60
N MET A 20 0.32 -3.04 -0.88
CA MET A 20 0.70 -3.36 -2.24
C MET A 20 0.11 -4.71 -2.64
N ARG A 21 -0.19 -4.87 -3.93
CA ARG A 21 -0.76 -6.11 -4.43
C ARG A 21 -2.11 -6.37 -3.76
N ARG A 22 -2.75 -5.29 -3.28
CA ARG A 22 -4.03 -5.41 -2.62
C ARG A 22 -5.14 -5.12 -3.61
N ASN A 23 -5.32 -6.02 -4.59
CA ASN A 23 -6.34 -5.86 -5.61
C ASN A 23 -7.29 -7.06 -5.57
N GLN A 24 -7.64 -7.58 -6.74
CA GLN A 24 -8.52 -8.72 -6.85
C GLN A 24 -7.72 -10.01 -6.84
N PHE A 25 -7.42 -10.54 -8.03
CA PHE A 25 -6.65 -11.76 -8.16
C PHE A 25 -5.19 -11.49 -7.84
N TRP A 26 -4.70 -10.31 -8.21
CA TRP A 26 -3.32 -9.95 -7.96
C TRP A 26 -2.96 -10.28 -6.52
N VAL A 27 -3.96 -10.34 -5.65
CA VAL A 27 -3.75 -10.65 -4.25
C VAL A 27 -3.53 -12.15 -4.07
N LYS A 28 -3.33 -12.85 -5.19
CA LYS A 28 -3.11 -14.29 -5.16
C LYS A 28 -2.68 -14.77 -6.53
N VAL A 29 -1.86 -13.98 -7.22
CA VAL A 29 -1.38 -14.34 -8.54
C VAL A 29 0.13 -14.55 -8.50
N GLN A 30 0.65 -14.96 -7.34
CA GLN A 30 2.06 -15.20 -7.18
C GLN A 30 2.30 -16.15 -6.01
N ARG A 31 2.01 -15.67 -4.80
CA ARG A 31 2.19 -16.47 -3.60
C ARG A 31 3.64 -16.91 -3.49
N GLY A 32 4.46 -16.08 -2.84
CA GLY A 32 5.87 -16.39 -2.67
C GLY A 32 6.60 -15.22 -2.03
N PRO A 1 11.05 14.56 -4.53
CA PRO A 1 9.69 14.09 -4.38
C PRO A 1 9.37 13.85 -2.92
N PRO A 2 8.11 14.01 -2.53
CA PRO A 2 7.63 13.83 -1.19
C PRO A 2 7.62 12.34 -0.85
N LEU A 3 6.89 11.98 0.21
CA LEU A 3 6.80 10.59 0.64
C LEU A 3 5.54 10.38 1.46
N SER A 4 4.72 9.40 1.07
CA SER A 4 3.49 9.11 1.78
C SER A 4 2.64 10.36 1.89
N GLN A 5 1.57 10.43 1.11
CA GLN A 5 0.68 11.58 1.12
C GLN A 5 -0.64 11.22 0.47
N GLU A 6 -0.70 11.31 -0.86
CA GLU A 6 -1.91 11.00 -1.61
C GLU A 6 -1.60 9.98 -2.69
N THR A 7 -0.78 8.97 -2.36
CA THR A 7 -0.42 7.94 -3.31
C THR A 7 0.33 6.82 -2.59
N PHE A 8 1.66 6.96 -2.50
CA PHE A 8 2.49 5.97 -1.85
C PHE A 8 1.92 5.65 -0.47
N SER A 9 1.06 6.54 0.05
CA SER A 9 0.45 6.34 1.34
C SER A 9 -0.69 5.35 1.24
N ASP A 10 -1.26 5.22 0.03
CA ASP A 10 -2.37 4.31 -0.20
C ASP A 10 -1.89 2.88 -0.01
N LEU A 11 -0.59 2.64 -0.19
CA LEU A 11 -0.02 1.33 -0.05
C LEU A 11 0.34 1.07 1.41
N TRP A 12 1.63 1.22 1.75
CA TRP A 12 2.09 1.02 3.11
C TRP A 12 0.97 0.44 3.96
N LYS A 13 -0.26 0.89 3.70
CA LYS A 13 -1.41 0.42 4.44
C LYS A 13 -1.45 -1.11 4.45
N LEU A 14 -0.58 -1.72 3.62
CA LEU A 14 -0.51 -3.17 3.54
C LEU A 14 0.36 -3.71 4.66
N LEU A 15 1.37 -2.93 5.07
CA LEU A 15 2.27 -3.34 6.13
C LEU A 15 1.69 -2.96 7.48
N LYS A 16 0.50 -2.34 7.46
CA LYS A 16 -0.17 -1.93 8.69
C LYS A 16 -1.36 -2.83 8.96
N LYS A 17 -2.28 -2.92 8.00
CA LYS A 17 -3.46 -3.73 8.14
C LYS A 17 -3.11 -5.20 7.88
N TRP A 18 -1.90 -5.44 7.38
CA TRP A 18 -1.44 -6.79 7.09
C TRP A 18 -2.61 -7.75 7.19
N LYS A 19 -3.41 -7.64 8.25
CA LYS A 19 -4.56 -8.50 8.45
C LYS A 19 -5.62 -8.19 7.41
N MET A 20 -5.35 -7.20 6.55
CA MET A 20 -6.29 -6.82 5.52
C MET A 20 -5.55 -6.61 4.20
N ARG A 21 -6.27 -6.73 3.08
CA ARG A 21 -5.69 -6.55 1.77
C ARG A 21 -4.50 -7.50 1.60
N ARG A 22 -4.45 -8.54 2.44
CA ARG A 22 -3.37 -9.51 2.38
C ARG A 22 -3.74 -10.62 1.42
N ASN A 23 -3.86 -10.30 0.12
CA ASN A 23 -4.20 -11.27 -0.89
C ASN A 23 -2.97 -11.63 -1.70
N GLN A 24 -2.86 -11.08 -2.91
CA GLN A 24 -1.75 -11.36 -3.78
C GLN A 24 -1.22 -10.05 -4.38
N PHE A 25 -1.80 -9.65 -5.52
CA PHE A 25 -1.40 -8.43 -6.18
C PHE A 25 -2.16 -7.25 -5.59
N TRP A 26 -3.22 -7.53 -4.84
CA TRP A 26 -4.02 -6.49 -4.22
C TRP A 26 -3.15 -5.64 -3.30
N VAL A 27 -1.98 -6.17 -2.94
CA VAL A 27 -1.06 -5.47 -2.06
C VAL A 27 -0.61 -4.17 -2.73
N LYS A 28 0.66 -3.81 -2.56
CA LYS A 28 1.20 -2.60 -3.13
C LYS A 28 1.84 -2.90 -4.48
N VAL A 29 1.22 -3.80 -5.25
CA VAL A 29 1.73 -4.17 -6.55
C VAL A 29 0.97 -3.43 -7.64
N GLN A 30 0.48 -2.23 -7.31
CA GLN A 30 -0.25 -1.43 -8.26
C GLN A 30 0.68 -0.43 -8.93
N ARG A 31 1.50 0.25 -8.14
CA ARG A 31 2.44 1.23 -8.65
C ARG A 31 1.68 2.37 -9.30
N GLY A 32 1.19 2.14 -10.53
CA GLY A 32 0.45 3.17 -11.25
C GLY A 32 1.03 3.34 -12.65
N PRO A 1 -3.58 12.44 -6.57
CA PRO A 1 -4.37 11.43 -5.90
C PRO A 1 -4.54 11.80 -4.44
N PRO A 2 -5.79 11.78 -3.95
CA PRO A 2 -6.14 12.11 -2.58
C PRO A 2 -5.69 10.99 -1.66
N LEU A 3 -5.54 11.29 -0.37
CA LEU A 3 -5.12 10.31 0.61
C LEU A 3 -3.68 9.90 0.34
N SER A 4 -2.83 9.98 1.37
CA SER A 4 -1.44 9.62 1.23
C SER A 4 -0.74 10.58 0.29
N GLN A 5 0.08 11.48 0.84
CA GLN A 5 0.80 12.46 0.05
C GLN A 5 1.91 13.07 0.87
N GLU A 6 1.62 14.17 1.57
CA GLU A 6 2.60 14.84 2.40
C GLU A 6 2.16 14.82 3.85
N THR A 7 1.66 13.68 4.32
CA THR A 7 1.22 13.54 5.69
C THR A 7 0.95 12.08 6.00
N PHE A 8 -0.30 11.64 5.81
CA PHE A 8 -0.69 10.26 6.07
C PHE A 8 0.29 9.32 5.39
N SER A 9 1.03 9.84 4.40
CA SER A 9 1.99 9.03 3.68
C SER A 9 3.25 8.85 4.52
N ASP A 10 3.51 9.81 5.40
CA ASP A 10 4.68 9.76 6.26
C ASP A 10 4.61 8.52 7.15
N LEU A 11 3.38 8.04 7.42
CA LEU A 11 3.18 6.88 8.25
C LEU A 11 3.28 5.62 7.41
N TRP A 12 2.13 5.01 7.10
CA TRP A 12 2.10 3.80 6.30
C TRP A 12 3.51 3.23 6.18
N LYS A 13 4.51 4.11 6.06
CA LYS A 13 5.89 3.69 5.93
C LYS A 13 6.26 2.77 7.09
N LEU A 14 5.28 2.44 7.93
CA LEU A 14 5.50 1.57 9.07
C LEU A 14 4.94 0.18 8.78
N LEU A 15 3.90 0.12 7.95
CA LEU A 15 3.28 -1.14 7.60
C LEU A 15 3.72 -1.56 6.21
N LYS A 16 4.46 -0.69 5.53
CA LYS A 16 4.94 -0.98 4.19
C LYS A 16 5.18 -2.47 4.04
N LYS A 17 6.29 -2.96 4.59
CA LYS A 17 6.63 -4.37 4.52
C LYS A 17 5.38 -5.22 4.73
N TRP A 18 4.43 -4.69 5.51
CA TRP A 18 3.19 -5.40 5.79
C TRP A 18 2.03 -4.69 5.09
N LYS A 19 2.28 -3.49 4.58
CA LYS A 19 1.25 -2.73 3.89
C LYS A 19 1.46 -2.81 2.39
N MET A 20 2.48 -3.57 1.96
CA MET A 20 2.79 -3.72 0.56
C MET A 20 1.63 -4.41 -0.15
N ARG A 21 1.77 -4.61 -1.46
CA ARG A 21 0.74 -5.25 -2.26
C ARG A 21 -0.61 -4.63 -1.95
N ARG A 22 -0.60 -3.45 -1.32
CA ARG A 22 -1.83 -2.76 -0.97
C ARG A 22 -2.14 -1.71 -2.03
N ASN A 23 -2.43 -2.16 -3.25
CA ASN A 23 -2.75 -1.27 -4.34
C ASN A 23 -4.22 -1.40 -4.72
N GLN A 24 -4.49 -2.09 -5.83
CA GLN A 24 -5.85 -2.30 -6.28
C GLN A 24 -6.06 -3.75 -6.66
N PHE A 25 -5.76 -4.09 -7.91
CA PHE A 25 -5.92 -5.46 -8.40
C PHE A 25 -4.66 -6.25 -8.09
N TRP A 26 -3.58 -5.56 -7.72
CA TRP A 26 -2.33 -6.21 -7.41
C TRP A 26 -2.52 -7.20 -6.26
N VAL A 27 -3.66 -7.07 -5.55
CA VAL A 27 -3.96 -7.94 -4.43
C VAL A 27 -4.01 -9.38 -4.91
N LYS A 28 -3.93 -9.59 -6.23
CA LYS A 28 -3.98 -10.92 -6.80
C LYS A 28 -2.87 -11.07 -7.84
N VAL A 29 -1.62 -10.92 -7.40
CA VAL A 29 -0.49 -11.04 -8.29
C VAL A 29 0.07 -12.46 -8.24
N GLN A 30 -0.81 -13.43 -7.94
CA GLN A 30 -0.40 -14.81 -7.86
C GLN A 30 -1.57 -15.72 -8.21
N ARG A 31 -1.29 -16.93 -8.66
CA ARG A 31 -2.31 -17.88 -9.02
C ARG A 31 -3.47 -17.81 -8.04
N GLY A 32 -4.64 -17.36 -8.51
CA GLY A 32 -5.80 -17.24 -7.66
C GLY A 32 -6.64 -18.51 -7.74
N PRO A 1 -8.14 19.30 2.44
CA PRO A 1 -6.71 19.50 2.36
C PRO A 1 -6.06 18.31 1.67
N PRO A 2 -4.76 18.40 1.41
CA PRO A 2 -3.98 17.37 0.75
C PRO A 2 -3.78 16.20 1.71
N LEU A 3 -2.82 15.33 1.39
CA LEU A 3 -2.53 14.18 2.22
C LEU A 3 -1.32 13.44 1.67
N SER A 4 -0.34 13.15 2.53
CA SER A 4 0.85 12.44 2.12
C SER A 4 1.71 13.33 1.23
N GLN A 5 2.87 13.74 1.74
CA GLN A 5 3.77 14.60 0.98
C GLN A 5 5.15 14.60 1.63
N GLU A 6 5.34 15.45 2.64
CA GLU A 6 6.61 15.53 3.32
C GLU A 6 6.41 15.32 4.82
N THR A 7 5.58 14.32 5.17
CA THR A 7 5.30 14.02 6.56
C THR A 7 4.41 12.79 6.65
N PHE A 8 3.10 13.00 6.66
CA PHE A 8 2.14 11.91 6.75
C PHE A 8 2.51 10.84 5.74
N SER A 9 3.36 11.17 4.77
CA SER A 9 3.78 10.23 3.76
C SER A 9 4.87 9.32 4.32
N ASP A 10 5.68 9.85 5.24
CA ASP A 10 6.75 9.08 5.84
C ASP A 10 6.17 7.85 6.53
N LEU A 11 4.92 7.95 6.97
CA LEU A 11 4.26 6.84 7.64
C LEU A 11 3.69 5.88 6.60
N TRP A 12 2.38 5.92 6.38
CA TRP A 12 1.73 5.06 5.42
C TRP A 12 2.71 3.98 4.96
N LYS A 13 3.97 4.35 4.80
CA LYS A 13 4.99 3.41 4.36
C LYS A 13 4.94 2.16 5.23
N LEU A 14 4.13 2.19 6.28
CA LEU A 14 3.99 1.06 7.18
C LEU A 14 2.88 0.14 6.69
N LEU A 15 1.79 0.74 6.20
CA LEU A 15 0.66 -0.02 5.69
C LEU A 15 0.97 -0.57 4.31
N LYS A 16 2.06 -0.08 3.70
CA LYS A 16 2.46 -0.51 2.39
C LYS A 16 2.30 -2.02 2.27
N LYS A 17 2.90 -2.76 3.22
CA LYS A 17 2.82 -4.20 3.22
C LYS A 17 1.37 -4.65 3.06
N TRP A 18 0.43 -3.82 3.53
CA TRP A 18 -0.97 -4.13 3.43
C TRP A 18 -1.64 -3.21 2.42
N LYS A 19 -0.92 -2.17 1.99
CA LYS A 19 -1.45 -1.23 1.03
C LYS A 19 -1.11 -1.69 -0.39
N MET A 20 -0.31 -2.75 -0.50
CA MET A 20 0.08 -3.29 -1.79
C MET A 20 -0.51 -4.68 -1.97
N ARG A 21 -0.79 -5.05 -3.22
CA ARG A 21 -1.36 -6.35 -3.53
C ARG A 21 -2.78 -6.42 -3.00
N ARG A 22 -3.28 -5.31 -2.44
CA ARG A 22 -4.62 -5.27 -1.89
C ARG A 22 -5.63 -5.03 -3.01
N ASN A 23 -5.75 -6.00 -3.92
CA ASN A 23 -6.67 -5.89 -5.03
C ASN A 23 -7.79 -6.92 -4.89
N GLN A 24 -7.46 -8.19 -5.15
CA GLN A 24 -8.43 -9.26 -5.04
C GLN A 24 -7.73 -10.61 -5.08
N PHE A 25 -7.58 -11.18 -6.27
CA PHE A 25 -6.92 -12.46 -6.43
C PHE A 25 -5.41 -12.26 -6.47
N TRP A 26 -4.97 -11.05 -6.81
CA TRP A 26 -3.56 -10.75 -6.88
C TRP A 26 -2.89 -11.15 -5.56
N VAL A 27 -3.68 -11.28 -4.50
CA VAL A 27 -3.16 -11.66 -3.20
C VAL A 27 -2.88 -13.16 -3.17
N LYS A 28 -2.97 -13.80 -4.34
CA LYS A 28 -2.72 -15.23 -4.43
C LYS A 28 -2.25 -15.58 -5.84
N VAL A 29 -1.40 -14.71 -6.41
CA VAL A 29 -0.88 -14.93 -7.75
C VAL A 29 0.62 -15.18 -7.68
N GLN A 30 1.08 -15.73 -6.55
CA GLN A 30 2.49 -16.02 -6.37
C GLN A 30 3.06 -16.67 -7.63
N ARG A 31 4.25 -16.22 -8.05
CA ARG A 31 4.89 -16.75 -9.23
C ARG A 31 6.33 -16.27 -9.29
N GLY A 32 7.04 -16.36 -8.17
CA GLY A 32 8.42 -15.93 -8.10
C GLY A 32 8.51 -14.41 -8.18
N PRO A 1 -8.56 15.55 10.70
CA PRO A 1 -8.02 15.87 9.40
C PRO A 1 -7.19 14.71 8.90
N PRO A 2 -6.75 14.79 7.64
CA PRO A 2 -5.94 13.77 7.00
C PRO A 2 -4.53 13.81 7.55
N LEU A 3 -3.73 12.79 7.24
CA LEU A 3 -2.36 12.73 7.72
C LEU A 3 -1.46 12.20 6.62
N SER A 4 -0.90 13.12 5.82
CA SER A 4 -0.01 12.75 4.73
C SER A 4 0.41 14.00 3.97
N GLN A 5 1.66 14.43 4.20
CA GLN A 5 2.19 15.61 3.52
C GLN A 5 3.71 15.62 3.64
N GLU A 6 4.21 16.21 4.73
CA GLU A 6 5.64 16.29 4.95
C GLU A 6 6.01 15.58 6.24
N THR A 7 5.44 14.40 6.46
CA THR A 7 5.71 13.62 7.65
C THR A 7 5.08 12.24 7.53
N PHE A 8 3.84 12.10 7.99
CA PHE A 8 3.14 10.83 7.92
C PHE A 8 3.22 10.26 6.51
N SER A 9 3.53 11.13 5.55
CA SER A 9 3.64 10.72 4.15
C SER A 9 4.96 10.00 3.93
N ASP A 10 5.97 10.31 4.76
CA ASP A 10 7.27 9.71 4.65
C ASP A 10 7.16 8.21 4.92
N LEU A 11 6.14 7.82 5.67
CA LEU A 11 5.93 6.41 6.02
C LEU A 11 5.11 5.74 4.92
N TRP A 12 3.82 5.54 5.18
CA TRP A 12 2.94 4.91 4.21
C TRP A 12 3.76 4.31 3.08
N LYS A 13 4.81 5.02 2.66
CA LYS A 13 5.66 4.55 1.59
C LYS A 13 6.08 3.12 1.85
N LEU A 14 5.75 2.60 3.04
CA LEU A 14 6.08 1.24 3.40
C LEU A 14 4.94 0.30 3.04
N LEU A 15 3.71 0.81 3.11
CA LEU A 15 2.54 0.02 2.80
C LEU A 15 2.07 0.34 1.38
N LYS A 16 2.43 1.52 0.87
CA LYS A 16 2.04 1.94 -0.45
C LYS A 16 2.10 0.75 -1.40
N LYS A 17 2.86 -0.28 -1.02
CA LYS A 17 3.00 -1.46 -1.85
C LYS A 17 1.93 -2.48 -1.48
N TRP A 18 1.23 -2.24 -0.37
CA TRP A 18 0.18 -3.13 0.09
C TRP A 18 -1.01 -3.06 -0.86
N LYS A 19 -1.41 -1.84 -1.23
CA LYS A 19 -2.52 -1.63 -2.12
C LYS A 19 -2.12 -1.99 -3.54
N MET A 20 -0.85 -2.34 -3.74
CA MET A 20 -0.35 -2.69 -5.05
C MET A 20 -0.36 -4.21 -5.20
N ARG A 21 -0.09 -4.68 -6.43
CA ARG A 21 -0.07 -6.09 -6.72
C ARG A 21 -1.43 -6.70 -6.41
N ARG A 22 -2.44 -5.85 -6.21
CA ARG A 22 -3.79 -6.30 -5.91
C ARG A 22 -4.62 -6.31 -7.18
N ASN A 23 -4.26 -7.16 -8.14
CA ASN A 23 -4.98 -7.25 -9.39
C ASN A 23 -6.16 -8.19 -9.23
N GLN A 24 -5.96 -9.47 -9.57
CA GLN A 24 -7.02 -10.47 -9.47
C GLN A 24 -6.40 -11.84 -9.23
N PHE A 25 -5.35 -12.17 -9.99
CA PHE A 25 -4.68 -13.44 -9.85
C PHE A 25 -3.42 -13.28 -9.03
N TRP A 26 -2.70 -12.18 -9.23
CA TRP A 26 -1.47 -11.91 -8.51
C TRP A 26 -1.76 -11.02 -7.31
N VAL A 27 -2.94 -11.20 -6.70
CA VAL A 27 -3.34 -10.41 -5.54
C VAL A 27 -2.84 -11.09 -4.27
N LYS A 28 -3.71 -11.17 -3.26
CA LYS A 28 -3.35 -11.79 -2.00
C LYS A 28 -3.59 -13.28 -2.07
N VAL A 29 -3.17 -13.91 -3.18
CA VAL A 29 -3.33 -15.33 -3.38
C VAL A 29 -2.29 -16.07 -2.55
N GLN A 30 -2.42 -16.04 -1.23
CA GLN A 30 -1.49 -16.71 -0.34
C GLN A 30 -2.07 -18.06 0.09
N ARG A 31 -1.21 -18.93 0.61
CA ARG A 31 -1.64 -20.24 1.07
C ARG A 31 -0.58 -20.83 1.99
N GLY A 32 0.65 -20.94 1.50
CA GLY A 32 1.74 -21.49 2.30
C GLY A 32 2.86 -20.48 2.44
N PRO A 1 -2.66 15.37 -6.67
CA PRO A 1 -3.82 15.67 -5.86
C PRO A 1 -3.40 15.83 -4.40
N PRO A 2 -4.32 16.34 -3.57
CA PRO A 2 -4.10 16.56 -2.16
C PRO A 2 -4.07 15.23 -1.43
N LEU A 3 -4.07 15.28 -0.09
CA LEU A 3 -4.04 14.07 0.72
C LEU A 3 -2.71 13.36 0.53
N SER A 4 -2.06 13.02 1.64
CA SER A 4 -0.78 12.33 1.59
C SER A 4 0.20 13.11 0.71
N GLN A 5 1.14 13.81 1.35
CA GLN A 5 2.12 14.59 0.63
C GLN A 5 3.34 14.83 1.51
N GLU A 6 3.38 15.98 2.17
CA GLU A 6 4.48 16.33 3.04
C GLU A 6 4.00 16.41 4.48
N THR A 7 3.14 15.47 4.89
CA THR A 7 2.62 15.44 6.24
C THR A 7 2.01 14.09 6.52
N PHE A 8 0.69 13.96 6.31
CA PHE A 8 0.00 12.70 6.55
C PHE A 8 0.71 11.57 5.82
N SER A 9 1.54 11.92 4.84
CA SER A 9 2.28 10.93 4.08
C SER A 9 3.46 10.43 4.89
N ASP A 10 3.93 11.23 5.84
CA ASP A 10 5.05 10.86 6.67
C ASP A 10 4.68 9.68 7.55
N LEU A 11 3.38 9.51 7.80
CA LEU A 11 2.89 8.42 8.63
C LEU A 11 2.67 7.19 7.75
N TRP A 12 1.41 6.93 7.39
CA TRP A 12 1.09 5.78 6.56
C TRP A 12 2.32 4.90 6.39
N LYS A 13 3.49 5.52 6.33
CA LYS A 13 4.73 4.78 6.16
C LYS A 13 4.85 3.72 7.23
N LEU A 14 3.93 3.75 8.21
CA LEU A 14 3.93 2.78 9.29
C LEU A 14 3.21 1.51 8.85
N LEU A 15 2.09 1.67 8.16
CA LEU A 15 1.31 0.54 7.68
C LEU A 15 2.12 -0.25 6.67
N LYS A 16 3.16 0.38 6.10
CA LYS A 16 4.00 -0.27 5.13
C LYS A 16 4.40 -1.65 5.62
N LYS A 17 5.15 -1.70 6.73
CA LYS A 17 5.59 -2.96 7.31
C LYS A 17 4.42 -3.92 7.41
N TRP A 18 3.21 -3.37 7.52
CA TRP A 18 2.01 -4.18 7.64
C TRP A 18 1.15 -4.04 6.38
N LYS A 19 1.49 -3.04 5.56
CA LYS A 19 0.75 -2.79 4.33
C LYS A 19 1.50 -3.39 3.15
N MET A 20 2.66 -4.00 3.42
CA MET A 20 3.47 -4.61 2.38
C MET A 20 2.73 -5.80 1.78
N ARG A 21 3.19 -6.27 0.62
CA ARG A 21 2.58 -7.39 -0.06
C ARG A 21 1.12 -7.07 -0.38
N ARG A 22 0.75 -5.80 -0.24
CA ARG A 22 -0.61 -5.36 -0.52
C ARG A 22 -0.71 -4.89 -1.96
N ASN A 23 -0.53 -5.81 -2.91
CA ASN A 23 -0.60 -5.48 -4.32
C ASN A 23 -1.84 -6.11 -4.93
N GLN A 24 -1.64 -7.11 -5.79
CA GLN A 24 -2.73 -7.80 -6.44
C GLN A 24 -2.22 -9.08 -7.11
N PHE A 25 -0.93 -9.11 -7.43
CA PHE A 25 -0.33 -10.27 -8.06
C PHE A 25 -0.99 -11.54 -7.53
N TRP A 26 -1.43 -11.50 -6.27
CA TRP A 26 -2.08 -12.64 -5.66
C TRP A 26 -3.58 -12.55 -5.82
N VAL A 27 -4.03 -12.10 -7.00
CA VAL A 27 -5.45 -11.96 -7.28
C VAL A 27 -5.88 -13.03 -8.27
N LYS A 28 -6.78 -12.68 -9.18
CA LYS A 28 -7.28 -13.60 -10.18
C LYS A 28 -6.41 -13.54 -11.42
N VAL A 29 -5.10 -13.43 -11.23
CA VAL A 29 -4.16 -13.37 -12.33
C VAL A 29 -3.61 -14.75 -12.63
N GLN A 30 -4.44 -15.62 -13.23
CA GLN A 30 -4.03 -16.96 -13.56
C GLN A 30 -4.68 -17.39 -14.87
N ARG A 31 -4.34 -18.60 -15.34
CA ARG A 31 -4.89 -19.12 -16.57
C ARG A 31 -6.18 -19.88 -16.29
N GLY A 32 -6.87 -20.30 -17.35
CA GLY A 32 -8.11 -21.04 -17.19
C GLY A 32 -8.73 -21.32 -18.55
#